data_3DWQ
#
_entry.id   3DWQ
#
_cell.length_a   97.253
_cell.length_b   97.253
_cell.length_c   163.520
_cell.angle_alpha   90.00
_cell.angle_beta   90.00
_cell.angle_gamma   120.00
#
_symmetry.space_group_name_H-M   'P 65'
#
loop_
_entity.id
_entity.type
_entity.pdbx_description
1 polymer 'Subtilase cytotoxin, subunit B'
2 branched 'N-glycolyl-alpha-neuraminic acid-(2-3)-beta-D-galactopyranose-(1-3)-2-acetamido-2-deoxy-beta-D-galactopyranose'
3 non-polymer N-PROPANOL
4 non-polymer 'AZIDE ION'
5 non-polymer 'PENTAETHYLENE GLYCOL'
6 water water
#
_entity_poly.entity_id   1
_entity_poly.type   'polypeptide(L)'
_entity_poly.pdbx_seq_one_letter_code
;EWTGDARDGMFSGVVITQFHTGQIDNKPYFCIEGKQSAGSSISACSMKNSSVWGASFSTLYNQALYFYTTGQPVRIYYEP
GVWTYPPFVKALTSNALVGLSTCTTSTECFGPDRKKNSLEHHHHHH
;
_entity_poly.pdbx_strand_id   A,B,C,D,E
#
# COMPACT_ATOMS: atom_id res chain seq x y z
N GLU A 1 18.25 14.78 15.73
CA GLU A 1 18.95 14.07 14.62
C GLU A 1 18.34 14.47 13.27
N TRP A 2 19.13 14.29 12.21
CA TRP A 2 18.66 14.54 10.85
C TRP A 2 19.48 13.76 9.83
N THR A 3 18.79 13.22 8.83
CA THR A 3 19.41 12.56 7.68
C THR A 3 20.59 13.37 7.10
N GLY A 4 20.44 14.69 7.05
CA GLY A 4 21.48 15.57 6.53
C GLY A 4 22.48 16.12 7.53
N ASP A 5 22.59 15.48 8.69
CA ASP A 5 23.60 15.84 9.70
C ASP A 5 25.00 15.66 9.11
N ALA A 6 25.93 16.52 9.55
CA ALA A 6 27.31 16.47 9.09
C ALA A 6 28.07 15.29 9.72
N ARG A 7 27.71 14.09 9.28
CA ARG A 7 28.21 12.85 9.86
C ARG A 7 28.41 11.80 8.76
N ASP A 8 29.07 10.69 9.10
CA ASP A 8 29.06 9.51 8.25
C ASP A 8 27.64 8.93 8.24
N GLY A 9 27.10 8.64 7.06
CA GLY A 9 27.74 8.90 5.77
C GLY A 9 26.75 8.65 4.64
N MET A 10 27.22 8.75 3.41
CA MET A 10 26.37 8.46 2.25
C MET A 10 27.16 7.80 1.11
N PHE A 11 26.47 6.94 0.37
CA PHE A 11 26.98 6.37 -0.87
C PHE A 11 26.02 6.78 -1.99
N SER A 12 26.56 7.45 -3.01
CA SER A 12 25.76 7.96 -4.13
C SER A 12 25.92 7.10 -5.38
N GLY A 13 24.91 7.10 -6.23
CA GLY A 13 24.90 6.32 -7.47
C GLY A 13 24.84 4.82 -7.21
N VAL A 14 24.06 4.44 -6.21
CA VAL A 14 23.96 3.05 -5.77
C VAL A 14 22.74 2.36 -6.37
N VAL A 15 22.95 1.20 -7.00
CA VAL A 15 21.84 0.35 -7.41
C VAL A 15 21.55 -0.65 -6.29
N ILE A 16 20.33 -0.64 -5.78
CA ILE A 16 19.92 -1.60 -4.74
C ILE A 16 19.74 -2.98 -5.37
N THR A 17 20.65 -3.88 -5.00
CA THR A 17 20.76 -5.20 -5.65
C THR A 17 20.23 -6.35 -4.80
N GLN A 18 20.20 -6.15 -3.49
CA GLN A 18 19.79 -7.20 -2.57
C GLN A 18 18.81 -6.69 -1.52
N PHE A 19 17.88 -7.55 -1.13
CA PHE A 19 16.83 -7.19 -0.18
C PHE A 19 16.55 -8.36 0.77
N HIS A 20 16.53 -8.05 2.07
CA HIS A 20 16.27 -9.04 3.11
C HIS A 20 15.34 -8.44 4.16
N THR A 21 14.35 -9.21 4.58
CA THR A 21 13.48 -8.82 5.69
C THR A 21 13.46 -9.91 6.75
N GLY A 22 13.35 -9.50 8.01
CA GLY A 22 13.30 -10.45 9.11
C GLY A 22 12.66 -9.88 10.36
N GLN A 23 12.92 -10.54 11.49
CA GLN A 23 12.49 -10.06 12.80
C GLN A 23 13.60 -10.26 13.82
N ILE A 24 13.71 -9.30 14.75
CA ILE A 24 14.59 -9.41 15.92
C ILE A 24 13.98 -8.62 17.07
N ASP A 25 13.98 -9.21 18.27
CA ASP A 25 13.42 -8.61 19.48
C ASP A 25 12.01 -8.04 19.27
N ASN A 26 11.13 -8.86 18.68
CA ASN A 26 9.73 -8.51 18.47
C ASN A 26 9.52 -7.33 17.52
N LYS A 27 10.54 -7.04 16.70
CA LYS A 27 10.49 -5.93 15.76
C LYS A 27 10.87 -6.40 14.37
N PRO A 28 9.97 -6.21 13.38
CA PRO A 28 10.36 -6.44 11.99
C PRO A 28 11.46 -5.48 11.54
N TYR A 29 12.34 -5.96 10.68
CA TYR A 29 13.40 -5.14 10.12
C TYR A 29 13.61 -5.52 8.66
N PHE A 30 14.28 -4.64 7.93
CA PHE A 30 14.73 -4.97 6.58
C PHE A 30 16.14 -4.44 6.37
N CYS A 31 16.88 -5.10 5.50
CA CYS A 31 18.22 -4.68 5.11
C CYS A 31 18.30 -4.61 3.60
N ILE A 32 19.07 -3.65 3.10
CA ILE A 32 19.36 -3.56 1.68
C ILE A 32 20.86 -3.62 1.42
N GLU A 33 21.21 -4.01 0.19
CA GLU A 33 22.58 -3.99 -0.26
C GLU A 33 22.64 -3.27 -1.59
N GLY A 34 23.61 -2.39 -1.73
CA GLY A 34 23.80 -1.63 -2.95
C GLY A 34 25.23 -1.64 -3.43
N LYS A 35 25.39 -1.69 -4.75
CA LYS A 35 26.72 -1.61 -5.36
C LYS A 35 26.82 -0.41 -6.31
N GLN A 36 27.90 0.34 -6.14
CA GLN A 36 28.25 1.40 -7.09
C GLN A 36 28.86 0.77 -8.34
N SER A 37 28.87 1.51 -9.45
CA SER A 37 29.44 1.02 -10.70
C SER A 37 30.94 0.71 -10.57
N ALA A 38 31.61 1.39 -9.63
CA ALA A 38 33.02 1.16 -9.36
C ALA A 38 33.30 -0.09 -8.49
N GLY A 39 32.23 -0.78 -8.09
CA GLY A 39 32.35 -2.02 -7.33
C GLY A 39 32.18 -1.91 -5.82
N SER A 40 32.18 -0.68 -5.32
CA SER A 40 31.97 -0.41 -3.88
C SER A 40 30.59 -0.82 -3.37
N SER A 41 30.57 -1.47 -2.22
CA SER A 41 29.36 -2.05 -1.64
C SER A 41 28.95 -1.38 -0.33
N ILE A 42 27.65 -1.23 -0.13
CA ILE A 42 27.08 -0.68 1.09
C ILE A 42 25.86 -1.49 1.55
N SER A 43 25.85 -1.85 2.83
CA SER A 43 24.69 -2.49 3.47
C SER A 43 24.13 -1.57 4.55
N ALA A 44 22.80 -1.54 4.66
CA ALA A 44 22.12 -0.72 5.66
C ALA A 44 20.76 -1.32 6.03
N CYS A 45 20.49 -1.37 7.33
CA CYS A 45 19.26 -1.96 7.85
C CYS A 45 18.38 -0.94 8.55
N SER A 46 17.07 -1.17 8.51
CA SER A 46 16.10 -0.33 9.21
C SER A 46 15.17 -1.20 10.05
N MET A 47 14.91 -0.75 11.28
CA MET A 47 14.10 -1.52 12.21
C MET A 47 12.85 -0.75 12.65
N LYS A 48 11.73 -1.45 12.75
CA LYS A 48 10.45 -0.83 13.12
C LYS A 48 10.40 -0.51 14.61
N ASN A 49 10.13 0.75 14.92
CA ASN A 49 10.10 1.25 16.32
C ASN A 49 11.41 1.01 17.06
N SER A 50 12.53 1.19 16.35
CA SER A 50 13.84 0.85 16.89
C SER A 50 14.42 1.93 17.80
N SER A 51 15.70 2.26 17.59
CA SER A 51 16.37 3.32 18.30
C SER A 51 15.90 4.65 17.74
N VAL A 52 16.87 5.50 17.39
CA VAL A 52 16.62 6.86 16.92
C VAL A 52 15.89 6.87 15.57
N TRP A 53 16.21 5.91 14.69
CA TRP A 53 15.71 5.91 13.30
C TRP A 53 14.48 5.03 13.03
N GLY A 54 13.80 4.59 14.08
CA GLY A 54 12.65 3.68 13.97
C GLY A 54 11.41 4.28 13.32
N ALA A 55 11.22 5.58 13.49
CA ALA A 55 10.07 6.30 12.94
C ALA A 55 10.02 6.29 11.40
N SER A 56 11.15 6.02 10.77
CA SER A 56 11.26 6.04 9.30
C SER A 56 11.06 4.69 8.63
N PHE A 57 10.99 3.62 9.44
CA PHE A 57 10.92 2.25 8.91
C PHE A 57 9.97 2.07 7.74
N SER A 58 8.72 2.49 7.94
CA SER A 58 7.65 2.31 6.96
C SER A 58 7.95 3.02 5.65
N THR A 59 8.37 4.28 5.73
CA THR A 59 8.73 5.09 4.56
C THR A 59 9.96 4.53 3.84
N LEU A 60 10.97 4.12 4.60
CA LEU A 60 12.22 3.61 4.03
C LEU A 60 12.02 2.25 3.35
N TYR A 61 11.18 1.40 3.94
CA TYR A 61 10.87 0.09 3.37
C TYR A 61 10.17 0.24 2.03
N ASN A 62 9.15 1.11 2.00
CA ASN A 62 8.43 1.44 0.78
C ASN A 62 9.37 1.97 -0.30
N GLN A 63 10.15 3.00 0.03
CA GLN A 63 11.10 3.60 -0.91
C GLN A 63 12.16 2.60 -1.41
N ALA A 64 12.75 1.85 -0.48
CA ALA A 64 13.80 0.88 -0.79
C ALA A 64 13.33 -0.22 -1.73
N LEU A 65 12.14 -0.76 -1.45
CA LEU A 65 11.54 -1.79 -2.31
C LEU A 65 11.18 -1.21 -3.69
N TYR A 66 10.70 0.03 -3.70
CA TYR A 66 10.46 0.76 -4.95
C TYR A 66 11.75 0.87 -5.77
N PHE A 67 12.83 1.30 -5.12
CA PHE A 67 14.12 1.48 -5.79
C PHE A 67 14.79 0.17 -6.20
N TYR A 68 14.55 -0.89 -5.43
CA TYR A 68 14.96 -2.24 -5.81
C TYR A 68 14.24 -2.70 -7.08
N THR A 69 12.99 -2.30 -7.24
CA THR A 69 12.17 -2.70 -8.38
C THR A 69 12.56 -1.99 -9.69
N THR A 70 12.78 -0.68 -9.60
CA THR A 70 13.14 0.11 -10.79
C THR A 70 14.59 -0.12 -11.21
N GLY A 71 15.45 -0.37 -10.23
CA GLY A 71 16.88 -0.59 -10.47
C GLY A 71 17.66 0.69 -10.72
N GLN A 72 17.05 1.84 -10.43
CA GLN A 72 17.67 3.15 -10.63
C GLN A 72 18.79 3.43 -9.62
N PRO A 73 19.84 4.15 -10.06
CA PRO A 73 20.91 4.55 -9.14
C PRO A 73 20.43 5.59 -8.13
N VAL A 74 20.62 5.28 -6.85
CA VAL A 74 20.14 6.14 -5.76
C VAL A 74 21.23 6.45 -4.72
N ARG A 75 20.90 7.30 -3.75
CA ARG A 75 21.80 7.59 -2.64
C ARG A 75 21.35 6.90 -1.37
N ILE A 76 22.27 6.16 -0.76
CA ILE A 76 22.03 5.52 0.54
C ILE A 76 22.64 6.41 1.62
N TYR A 77 21.78 6.90 2.50
CA TYR A 77 22.22 7.58 3.70
C TYR A 77 22.23 6.55 4.82
N TYR A 78 23.32 6.52 5.58
CA TYR A 78 23.48 5.55 6.66
C TYR A 78 24.19 6.14 7.87
N GLU A 79 23.92 5.57 9.04
CA GLU A 79 24.69 5.85 10.24
C GLU A 79 25.34 4.57 10.75
N PRO A 80 26.68 4.51 10.73
CA PRO A 80 27.39 3.32 11.21
C PRO A 80 27.32 3.17 12.73
N GLY A 81 27.51 1.93 13.20
CA GLY A 81 27.59 1.62 14.62
C GLY A 81 26.30 1.69 15.41
N VAL A 82 25.17 1.55 14.72
CA VAL A 82 23.86 1.62 15.38
C VAL A 82 23.43 0.26 15.91
N TRP A 83 23.48 -0.77 15.06
CA TRP A 83 23.10 -2.13 15.47
C TRP A 83 24.30 -2.81 16.15
N THR A 84 24.05 -3.41 17.31
CA THR A 84 25.15 -3.84 18.19
C THR A 84 25.15 -5.34 18.54
N TYR A 85 24.05 -6.04 18.29
CA TYR A 85 24.00 -7.48 18.53
C TYR A 85 25.00 -8.16 17.60
N PRO A 86 26.10 -8.72 18.17
CA PRO A 86 27.23 -9.19 17.37
C PRO A 86 26.92 -10.13 16.20
N PRO A 87 26.10 -11.20 16.41
CA PRO A 87 25.77 -12.04 15.25
C PRO A 87 25.00 -11.30 14.14
N PHE A 88 24.19 -10.31 14.52
CA PHE A 88 23.48 -9.47 13.56
C PHE A 88 24.47 -8.64 12.74
N VAL A 89 25.37 -7.94 13.44
CA VAL A 89 26.40 -7.11 12.81
C VAL A 89 27.28 -7.94 11.87
N LYS A 90 27.68 -9.12 12.33
CA LYS A 90 28.53 -10.04 11.57
C LYS A 90 27.88 -10.48 10.26
N ALA A 91 26.63 -10.95 10.34
CA ALA A 91 25.91 -11.50 9.19
C ALA A 91 25.42 -10.41 8.23
N LEU A 92 25.19 -9.22 8.76
CA LEU A 92 24.61 -8.13 7.99
C LEU A 92 25.49 -6.87 8.08
N THR A 93 25.13 -5.97 8.98
CA THR A 93 25.82 -4.68 9.13
C THR A 93 25.41 -4.00 10.44
N SER A 94 26.22 -3.03 10.86
CA SER A 94 25.87 -2.16 11.98
C SER A 94 25.17 -0.89 11.48
N ASN A 95 25.19 -0.70 10.16
CA ASN A 95 24.62 0.49 9.51
C ASN A 95 23.11 0.58 9.57
N ALA A 96 22.60 1.66 10.16
CA ALA A 96 21.19 2.00 10.09
C ALA A 96 20.94 2.78 8.80
N LEU A 97 19.89 2.40 8.07
CA LEU A 97 19.44 3.18 6.91
C LEU A 97 18.71 4.41 7.42
N VAL A 98 19.17 5.59 7.00
CA VAL A 98 18.64 6.85 7.54
C VAL A 98 18.01 7.78 6.49
N GLY A 99 18.11 7.38 5.22
CA GLY A 99 17.51 8.16 4.13
C GLY A 99 17.77 7.58 2.76
N LEU A 100 16.98 8.03 1.79
CA LEU A 100 17.12 7.61 0.40
C LEU A 100 16.87 8.79 -0.54
N SER A 101 17.54 8.77 -1.69
CA SER A 101 17.40 9.84 -2.69
C SER A 101 17.58 9.29 -4.09
N THR A 102 16.85 9.87 -5.03
CA THR A 102 17.11 9.69 -6.46
C THR A 102 18.37 10.48 -6.82
N CYS A 103 19.05 10.07 -7.89
CA CYS A 103 20.27 10.74 -8.34
C CYS A 103 20.17 11.21 -9.78
N THR A 104 20.85 12.31 -10.08
CA THR A 104 20.96 12.80 -11.45
C THR A 104 22.24 12.28 -12.11
N THR A 105 23.30 12.15 -11.31
CA THR A 105 24.55 11.52 -11.75
C THR A 105 25.02 10.49 -10.72
N SER A 106 26.22 9.96 -10.92
CA SER A 106 26.78 8.97 -10.01
C SER A 106 27.20 9.57 -8.67
N THR A 107 27.33 10.90 -8.62
CA THR A 107 27.75 11.58 -7.40
C THR A 107 26.73 12.65 -6.94
N GLU A 108 25.90 13.11 -7.86
CA GLU A 108 24.96 14.18 -7.59
C GLU A 108 23.54 13.65 -7.44
N CYS A 109 22.99 13.80 -6.24
CA CYS A 109 21.68 13.26 -5.90
C CYS A 109 20.87 14.31 -5.15
N PHE A 110 19.56 14.14 -5.18
CA PHE A 110 18.63 15.10 -4.59
C PHE A 110 18.72 15.13 -3.06
N GLY A 111 18.66 16.34 -2.49
CA GLY A 111 18.63 16.48 -1.04
C GLY A 111 19.98 16.78 -0.41
N PRO A 112 20.06 16.63 0.94
CA PRO A 112 21.23 17.05 1.70
C PRO A 112 22.44 16.13 1.54
N ASP A 113 23.62 16.66 1.83
CA ASP A 113 24.80 15.83 2.01
C ASP A 113 24.77 15.26 3.42
N ARG A 114 25.25 14.03 3.56
CA ARG A 114 25.55 13.46 4.87
C ARG A 114 27.02 13.07 4.86
N LYS A 115 27.87 13.97 5.36
CA LYS A 115 29.32 13.77 5.36
C LYS A 115 30.02 14.55 6.47
N LYS A 116 31.08 13.95 7.01
CA LYS A 116 31.92 14.57 8.04
C LYS A 116 32.55 15.87 7.53
N GLU B 1 -12.83 -19.95 15.66
CA GLU B 1 -13.19 -20.00 14.21
C GLU B 1 -11.93 -20.12 13.34
N TRP B 2 -12.09 -20.71 12.16
CA TRP B 2 -10.98 -20.85 11.22
C TRP B 2 -11.50 -21.01 9.79
N THR B 3 -10.83 -20.33 8.87
CA THR B 3 -11.06 -20.47 7.43
C THR B 3 -11.27 -21.94 7.00
N GLY B 4 -10.46 -22.85 7.56
CA GLY B 4 -10.53 -24.26 7.20
C GLY B 4 -11.44 -25.14 8.02
N ASP B 5 -12.38 -24.55 8.76
CA ASP B 5 -13.39 -25.30 9.50
C ASP B 5 -14.23 -26.13 8.54
N ALA B 6 -14.65 -27.32 9.00
CA ALA B 6 -15.51 -28.19 8.21
C ALA B 6 -16.95 -27.65 8.14
N ARG B 7 -17.12 -26.59 7.35
CA ARG B 7 -18.39 -25.88 7.19
C ARG B 7 -18.56 -25.42 5.74
N ASP B 8 -19.78 -24.98 5.39
CA ASP B 8 -19.99 -24.23 4.15
C ASP B 8 -19.18 -22.93 4.24
N GLY B 9 -18.37 -22.62 3.22
CA GLY B 9 -18.12 -23.47 2.07
C GLY B 9 -16.99 -22.89 1.25
N MET B 10 -16.75 -23.44 0.07
CA MET B 10 -15.72 -22.91 -0.81
C MET B 10 -16.06 -23.06 -2.29
N PHE B 11 -15.59 -22.10 -3.08
CA PHE B 11 -15.67 -22.15 -4.52
C PHE B 11 -14.24 -22.08 -5.04
N SER B 12 -13.81 -23.16 -5.70
CA SER B 12 -12.45 -23.28 -6.22
C SER B 12 -12.39 -22.91 -7.70
N GLY B 13 -11.24 -22.40 -8.12
CA GLY B 13 -10.99 -22.06 -9.53
C GLY B 13 -11.87 -20.93 -10.04
N VAL B 14 -12.06 -19.91 -9.20
CA VAL B 14 -12.89 -18.77 -9.54
C VAL B 14 -12.04 -17.61 -10.08
N VAL B 15 -12.42 -17.11 -11.26
CA VAL B 15 -11.87 -15.86 -11.77
C VAL B 15 -12.74 -14.72 -11.25
N ILE B 16 -12.14 -13.84 -10.45
CA ILE B 16 -12.84 -12.66 -9.93
C ILE B 16 -13.01 -11.63 -11.04
N THR B 17 -14.27 -11.32 -11.35
CA THR B 17 -14.60 -10.48 -12.49
C THR B 17 -15.26 -9.15 -12.09
N GLN B 18 -15.74 -9.08 -10.85
CA GLN B 18 -16.46 -7.90 -10.37
C GLN B 18 -15.98 -7.49 -8.98
N PHE B 19 -15.92 -6.18 -8.76
CA PHE B 19 -15.40 -5.63 -7.52
C PHE B 19 -16.23 -4.41 -7.10
N HIS B 20 -16.62 -4.36 -5.83
CA HIS B 20 -17.39 -3.25 -5.29
C HIS B 20 -16.90 -2.89 -3.90
N THR B 21 -16.84 -1.59 -3.61
CA THR B 21 -16.56 -1.10 -2.27
C THR B 21 -17.62 -0.08 -1.84
N GLY B 22 -18.00 -0.13 -0.57
CA GLY B 22 -18.96 0.81 -0.02
C GLY B 22 -18.80 0.97 1.49
N GLN B 23 -19.84 1.52 2.12
CA GLN B 23 -19.87 1.67 3.57
C GLN B 23 -21.25 1.35 4.12
N ILE B 24 -21.29 0.67 5.25
CA ILE B 24 -22.53 0.46 6.01
C ILE B 24 -22.23 0.54 7.50
N ASP B 25 -23.06 1.29 8.23
CA ASP B 25 -22.91 1.52 9.67
C ASP B 25 -21.49 1.89 10.08
N ASN B 26 -20.98 2.97 9.48
CA ASN B 26 -19.65 3.51 9.79
C ASN B 26 -18.50 2.53 9.53
N LYS B 27 -18.72 1.55 8.64
CA LYS B 27 -17.73 0.52 8.34
C LYS B 27 -17.53 0.35 6.84
N PRO B 28 -16.28 0.56 6.35
CA PRO B 28 -16.02 0.26 4.95
C PRO B 28 -16.09 -1.24 4.69
N TYR B 29 -16.53 -1.61 3.50
CA TYR B 29 -16.62 -3.00 3.10
C TYR B 29 -16.29 -3.14 1.62
N PHE B 30 -15.83 -4.32 1.21
CA PHE B 30 -15.72 -4.62 -0.20
C PHE B 30 -16.42 -5.94 -0.48
N CYS B 31 -16.81 -6.15 -1.73
CA CYS B 31 -17.47 -7.36 -2.14
C CYS B 31 -16.96 -7.77 -3.52
N ILE B 32 -16.92 -9.08 -3.77
CA ILE B 32 -16.43 -9.60 -5.04
C ILE B 32 -17.41 -10.60 -5.65
N GLU B 33 -17.43 -10.65 -6.97
CA GLU B 33 -18.17 -11.67 -7.70
C GLU B 33 -17.22 -12.34 -8.68
N GLY B 34 -17.33 -13.65 -8.77
CA GLY B 34 -16.55 -14.41 -9.71
C GLY B 34 -17.31 -15.62 -10.23
N LYS B 35 -16.89 -16.08 -11.41
CA LYS B 35 -17.46 -17.26 -12.03
C LYS B 35 -16.46 -18.41 -12.02
N GLN B 36 -16.94 -19.60 -11.70
CA GLN B 36 -16.21 -20.82 -12.00
C GLN B 36 -16.47 -21.12 -13.48
N SER B 37 -15.94 -22.25 -13.98
CA SER B 37 -16.21 -22.63 -15.36
C SER B 37 -16.12 -24.14 -15.59
N ALA B 38 -17.15 -24.94 -15.24
CA ALA B 38 -18.42 -24.59 -14.55
C ALA B 38 -19.32 -23.46 -15.11
N GLY B 39 -19.22 -22.27 -14.54
CA GLY B 39 -20.02 -21.12 -14.95
C GLY B 39 -20.80 -20.48 -13.81
N SER B 40 -20.87 -21.17 -12.68
CA SER B 40 -21.66 -20.73 -11.53
C SER B 40 -21.03 -19.55 -10.77
N SER B 41 -21.89 -18.66 -10.29
CA SER B 41 -21.47 -17.44 -9.60
C SER B 41 -21.34 -17.62 -8.09
N ILE B 42 -20.34 -16.96 -7.52
CA ILE B 42 -20.19 -16.82 -6.08
C ILE B 42 -19.95 -15.34 -5.75
N SER B 43 -20.62 -14.86 -4.72
CA SER B 43 -20.38 -13.52 -4.20
C SER B 43 -20.01 -13.62 -2.72
N ALA B 44 -19.10 -12.76 -2.29
CA ALA B 44 -18.67 -12.68 -0.90
C ALA B 44 -18.17 -11.29 -0.58
N CYS B 45 -18.52 -10.79 0.60
CA CYS B 45 -18.04 -9.49 1.02
C CYS B 45 -17.23 -9.57 2.31
N SER B 46 -16.27 -8.67 2.45
CA SER B 46 -15.55 -8.50 3.70
C SER B 46 -15.74 -7.08 4.21
N MET B 47 -15.87 -6.94 5.53
CA MET B 47 -16.21 -5.68 6.16
C MET B 47 -15.25 -5.36 7.30
N LYS B 48 -14.76 -4.13 7.32
CA LYS B 48 -13.82 -3.69 8.36
C LYS B 48 -14.52 -3.63 9.73
N ASN B 49 -13.81 -4.13 10.74
CA ASN B 49 -14.29 -4.18 12.13
C ASN B 49 -15.63 -4.89 12.33
N SER B 50 -15.99 -5.75 11.38
CA SER B 50 -17.19 -6.57 11.50
C SER B 50 -17.00 -7.63 12.58
N SER B 51 -18.11 -8.19 13.06
CA SER B 51 -18.14 -9.08 14.21
C SER B 51 -17.08 -10.20 14.21
N VAL B 52 -17.26 -11.22 13.36
CA VAL B 52 -16.44 -12.43 13.42
C VAL B 52 -15.19 -12.38 12.53
N TRP B 53 -15.37 -11.94 11.28
CA TRP B 53 -14.31 -12.01 10.28
C TRP B 53 -13.68 -10.65 9.93
N GLY B 54 -13.88 -9.66 10.81
CA GLY B 54 -13.38 -8.30 10.58
C GLY B 54 -11.87 -8.18 10.61
N ALA B 55 -11.22 -9.05 11.38
CA ALA B 55 -9.76 -9.07 11.51
C ALA B 55 -9.04 -9.24 10.17
N SER B 56 -9.71 -9.89 9.21
CA SER B 56 -9.13 -10.20 7.91
C SER B 56 -9.44 -9.20 6.79
N PHE B 57 -10.18 -8.15 7.10
CA PHE B 57 -10.59 -7.18 6.08
C PHE B 57 -9.44 -6.63 5.24
N SER B 58 -8.40 -6.10 5.90
CA SER B 58 -7.30 -5.45 5.21
C SER B 58 -6.51 -6.42 4.33
N THR B 59 -6.25 -7.63 4.85
CA THR B 59 -5.54 -8.67 4.11
C THR B 59 -6.33 -9.14 2.89
N LEU B 60 -7.62 -9.42 3.10
CA LEU B 60 -8.49 -9.90 2.03
C LEU B 60 -8.76 -8.85 0.94
N TYR B 61 -8.85 -7.58 1.34
CA TYR B 61 -8.99 -6.49 0.37
C TYR B 61 -7.81 -6.48 -0.59
N ASN B 62 -6.61 -6.44 -0.01
CA ASN B 62 -5.37 -6.44 -0.77
C ASN B 62 -5.27 -7.64 -1.71
N GLN B 63 -5.53 -8.83 -1.16
CA GLN B 63 -5.44 -10.09 -1.89
C GLN B 63 -6.49 -10.21 -2.99
N ALA B 64 -7.73 -9.82 -2.68
CA ALA B 64 -8.82 -9.83 -3.66
C ALA B 64 -8.60 -8.88 -4.84
N LEU B 65 -8.06 -7.69 -4.58
CA LEU B 65 -7.76 -6.74 -5.64
C LEU B 65 -6.57 -7.21 -6.49
N TYR B 66 -5.61 -7.87 -5.85
CA TYR B 66 -4.50 -8.51 -6.55
C TYR B 66 -5.02 -9.58 -7.52
N PHE B 67 -5.87 -10.48 -7.03
CA PHE B 67 -6.43 -11.55 -7.85
C PHE B 67 -7.39 -11.06 -8.93
N TYR B 68 -8.12 -9.98 -8.64
CA TYR B 68 -8.94 -9.33 -9.66
C TYR B 68 -8.08 -8.81 -10.82
N THR B 69 -6.90 -8.28 -10.48
CA THR B 69 -5.96 -7.70 -11.45
C THR B 69 -5.29 -8.76 -12.33
N THR B 70 -4.87 -9.88 -11.75
CA THR B 70 -4.18 -10.93 -12.50
C THR B 70 -5.12 -11.80 -13.31
N GLY B 71 -6.36 -11.94 -12.82
CA GLY B 71 -7.37 -12.76 -13.45
C GLY B 71 -7.22 -14.26 -13.25
N GLN B 72 -6.27 -14.64 -12.39
CA GLN B 72 -5.98 -16.06 -12.12
C GLN B 72 -7.13 -16.75 -11.39
N PRO B 73 -7.36 -18.05 -11.70
CA PRO B 73 -8.34 -18.85 -10.96
C PRO B 73 -7.93 -19.01 -9.50
N VAL B 74 -8.81 -18.62 -8.59
CA VAL B 74 -8.53 -18.66 -7.15
C VAL B 74 -9.66 -19.35 -6.38
N ARG B 75 -9.38 -19.71 -5.12
CA ARG B 75 -10.39 -20.25 -4.24
C ARG B 75 -10.98 -19.16 -3.35
N ILE B 76 -12.31 -19.12 -3.29
CA ILE B 76 -13.01 -18.24 -2.38
C ILE B 76 -13.57 -19.06 -1.22
N TYR B 77 -13.09 -18.75 -0.02
CA TYR B 77 -13.62 -19.31 1.21
C TYR B 77 -14.69 -18.35 1.73
N TYR B 78 -15.87 -18.87 2.03
CA TYR B 78 -16.98 -18.04 2.48
C TYR B 78 -17.73 -18.62 3.67
N GLU B 79 -18.47 -17.76 4.36
CA GLU B 79 -19.38 -18.17 5.42
C GLU B 79 -20.76 -17.54 5.13
N PRO B 80 -21.76 -18.39 4.77
CA PRO B 80 -23.09 -17.86 4.44
C PRO B 80 -23.85 -17.34 5.66
N GLY B 81 -24.79 -16.43 5.42
CA GLY B 81 -25.65 -15.90 6.48
C GLY B 81 -25.00 -14.99 7.49
N VAL B 82 -23.88 -14.36 7.13
CA VAL B 82 -23.19 -13.44 8.03
C VAL B 82 -23.78 -12.02 7.95
N TRP B 83 -23.93 -11.50 6.74
CA TRP B 83 -24.53 -10.18 6.55
C TRP B 83 -26.06 -10.32 6.56
N THR B 84 -26.72 -9.46 7.33
CA THR B 84 -28.12 -9.66 7.66
C THR B 84 -29.06 -8.50 7.30
N TYR B 85 -28.51 -7.33 6.97
CA TYR B 85 -29.35 -6.20 6.54
C TYR B 85 -29.99 -6.54 5.19
N PRO B 86 -31.32 -6.77 5.19
CA PRO B 86 -32.01 -7.33 4.01
C PRO B 86 -31.76 -6.65 2.65
N PRO B 87 -31.80 -5.30 2.57
CA PRO B 87 -31.41 -4.69 1.29
C PRO B 87 -29.96 -4.98 0.87
N PHE B 88 -29.06 -5.13 1.84
CA PHE B 88 -27.66 -5.49 1.59
C PHE B 88 -27.57 -6.90 1.00
N VAL B 89 -28.29 -7.83 1.61
CA VAL B 89 -28.33 -9.23 1.16
C VAL B 89 -28.96 -9.34 -0.23
N LYS B 90 -30.04 -8.58 -0.44
CA LYS B 90 -30.76 -8.57 -1.72
C LYS B 90 -29.88 -8.08 -2.88
N ALA B 91 -29.18 -6.99 -2.65
CA ALA B 91 -28.37 -6.36 -3.69
C ALA B 91 -27.01 -7.07 -3.87
N LEU B 92 -26.50 -7.64 -2.79
CA LEU B 92 -25.19 -8.26 -2.78
C LEU B 92 -25.25 -9.74 -2.36
N THR B 93 -24.98 -10.00 -1.09
CA THR B 93 -24.94 -11.37 -0.54
C THR B 93 -24.86 -11.35 0.99
N SER B 94 -25.20 -12.49 1.60
CA SER B 94 -25.00 -12.69 3.03
C SER B 94 -23.64 -13.31 3.33
N ASN B 95 -22.95 -13.76 2.27
CA ASN B 95 -21.66 -14.42 2.40
C ASN B 95 -20.54 -13.50 2.84
N ALA B 96 -19.85 -13.91 3.91
CA ALA B 96 -18.62 -13.25 4.32
C ALA B 96 -17.45 -13.91 3.63
N LEU B 97 -16.51 -13.10 3.14
CA LEU B 97 -15.25 -13.61 2.61
C LEU B 97 -14.34 -13.92 3.80
N VAL B 98 -13.92 -15.18 3.89
CA VAL B 98 -13.17 -15.65 5.06
C VAL B 98 -11.76 -16.16 4.70
N GLY B 99 -11.44 -16.15 3.41
CA GLY B 99 -10.13 -16.59 2.94
C GLY B 99 -10.01 -16.66 1.43
N LEU B 100 -8.77 -16.72 0.96
CA LEU B 100 -8.44 -16.82 -0.46
C LEU B 100 -7.24 -17.72 -0.70
N SER B 101 -7.23 -18.45 -1.81
CA SER B 101 -6.11 -19.31 -2.17
C SER B 101 -5.81 -19.29 -3.66
N THR B 102 -4.53 -19.43 -4.02
CA THR B 102 -4.14 -19.71 -5.40
C THR B 102 -4.49 -21.15 -5.76
N CYS B 103 -4.75 -21.40 -7.05
CA CYS B 103 -5.10 -22.74 -7.52
C CYS B 103 -4.15 -23.24 -8.61
N THR B 104 -3.94 -24.55 -8.63
CA THR B 104 -3.16 -25.20 -9.69
C THR B 104 -4.06 -25.69 -10.82
N THR B 105 -5.22 -26.25 -10.47
CA THR B 105 -6.26 -26.59 -11.46
C THR B 105 -7.56 -25.85 -11.12
N SER B 106 -8.68 -26.25 -11.71
CA SER B 106 -9.96 -25.58 -11.44
C SER B 106 -10.58 -25.98 -10.11
N THR B 107 -10.01 -27.02 -9.49
CA THR B 107 -10.53 -27.56 -8.24
C THR B 107 -9.43 -27.75 -7.18
N GLU B 108 -8.18 -27.90 -7.62
CA GLU B 108 -7.06 -28.11 -6.70
C GLU B 108 -6.40 -26.77 -6.35
N CYS B 109 -6.51 -26.37 -5.09
CA CYS B 109 -6.02 -25.08 -4.65
C CYS B 109 -5.23 -25.23 -3.35
N PHE B 110 -4.35 -24.27 -3.10
CA PHE B 110 -3.46 -24.31 -1.94
C PHE B 110 -4.22 -24.04 -0.65
N GLY B 111 -3.90 -24.80 0.40
CA GLY B 111 -4.50 -24.58 1.70
C GLY B 111 -5.60 -25.55 2.08
N PRO B 112 -6.36 -25.22 3.13
CA PRO B 112 -7.37 -26.11 3.68
C PRO B 112 -8.60 -26.25 2.79
N ASP B 113 -9.37 -27.31 3.03
CA ASP B 113 -10.72 -27.41 2.52
C ASP B 113 -11.62 -26.63 3.49
N ARG B 114 -12.71 -26.10 2.96
CA ARG B 114 -13.81 -25.63 3.79
C ARG B 114 -15.07 -26.28 3.27
N LYS B 115 -15.40 -27.44 3.82
CA LYS B 115 -16.61 -28.18 3.46
C LYS B 115 -17.14 -29.00 4.64
N LYS B 116 -18.47 -29.16 4.68
CA LYS B 116 -19.12 -29.98 5.69
C LYS B 116 -18.76 -31.45 5.52
N ASN B 117 -18.71 -32.18 6.64
CA ASN B 117 -18.44 -33.62 6.62
C ASN B 117 -19.64 -34.43 6.13
N GLU C 1 -7.36 26.11 7.83
CA GLU C 1 -6.50 26.01 6.62
C GLU C 1 -7.16 25.15 5.53
N TRP C 2 -6.78 25.41 4.28
CA TRP C 2 -7.22 24.59 3.16
C TRP C 2 -6.22 24.70 2.03
N THR C 3 -5.99 23.58 1.34
CA THR C 3 -5.17 23.52 0.13
C THR C 3 -5.49 24.65 -0.84
N GLY C 4 -6.79 24.91 -1.03
CA GLY C 4 -7.26 25.94 -1.96
C GLY C 4 -7.39 27.35 -1.40
N ASP C 5 -6.70 27.63 -0.29
CA ASP C 5 -6.64 28.97 0.29
C ASP C 5 -5.99 29.97 -0.67
N ALA C 6 -6.46 31.22 -0.64
CA ALA C 6 -5.93 32.27 -1.52
C ALA C 6 -4.57 32.75 -1.02
N ARG C 7 -3.57 31.90 -1.21
CA ARG C 7 -2.21 32.10 -0.71
C ARG C 7 -1.21 31.58 -1.73
N ASP C 8 0.06 31.88 -1.53
CA ASP C 8 1.14 31.19 -2.23
C ASP C 8 1.17 29.73 -1.75
N GLY C 9 1.16 28.77 -2.67
CA GLY C 9 1.11 29.01 -4.11
C GLY C 9 0.94 27.68 -4.82
N MET C 10 0.96 27.72 -6.15
CA MET C 10 0.89 26.50 -6.94
C MET C 10 1.74 26.56 -8.21
N PHE C 11 2.26 25.40 -8.61
CA PHE C 11 2.95 25.25 -9.87
C PHE C 11 2.19 24.17 -10.64
N SER C 12 1.66 24.55 -11.81
CA SER C 12 0.90 23.63 -12.66
C SER C 12 1.76 23.01 -13.75
N GLY C 13 1.38 21.81 -14.18
CA GLY C 13 2.06 21.09 -15.26
C GLY C 13 3.47 20.66 -14.91
N VAL C 14 3.66 20.30 -13.64
CA VAL C 14 4.96 19.89 -13.13
C VAL C 14 5.15 18.37 -13.26
N VAL C 15 6.30 17.96 -13.77
CA VAL C 15 6.70 16.55 -13.75
C VAL C 15 7.64 16.34 -12.57
N ILE C 16 7.25 15.46 -11.66
CA ILE C 16 8.09 15.11 -10.51
C ILE C 16 9.29 14.30 -11.00
N THR C 17 10.48 14.86 -10.80
CA THR C 17 11.72 14.32 -11.36
C THR C 17 12.68 13.77 -10.30
N GLN C 18 12.60 14.32 -9.09
CA GLN C 18 13.47 13.90 -7.98
C GLN C 18 12.66 13.52 -6.76
N PHE C 19 13.16 12.54 -6.02
CA PHE C 19 12.50 12.05 -4.82
C PHE C 19 13.53 11.79 -3.72
N HIS C 20 13.26 12.30 -2.52
CA HIS C 20 14.12 12.07 -1.35
C HIS C 20 13.27 11.77 -0.13
N THR C 21 13.78 10.87 0.71
CA THR C 21 13.12 10.54 1.96
C THR C 21 14.12 10.58 3.10
N GLY C 22 13.67 10.99 4.28
CA GLY C 22 14.53 11.06 5.45
C GLY C 22 13.79 11.16 6.77
N GLN C 23 14.51 11.58 7.80
CA GLN C 23 13.96 11.76 9.14
C GLN C 23 14.62 12.96 9.81
N ILE C 24 13.81 13.73 10.54
CA ILE C 24 14.32 14.82 11.38
C ILE C 24 13.44 14.94 12.62
N ASP C 25 14.08 15.08 13.78
CA ASP C 25 13.38 15.23 15.07
C ASP C 25 12.34 14.12 15.30
N ASN C 26 12.73 12.88 15.01
CA ASN C 26 11.88 11.70 15.24
C ASN C 26 10.65 11.64 14.33
N LYS C 27 10.69 12.36 13.21
CA LYS C 27 9.59 12.42 12.27
C LYS C 27 10.04 12.12 10.85
N PRO C 28 9.45 11.08 10.22
CA PRO C 28 9.72 10.79 8.81
C PRO C 28 9.24 11.92 7.89
N TYR C 29 9.99 12.18 6.83
CA TYR C 29 9.60 13.16 5.82
C TYR C 29 10.03 12.71 4.43
N PHE C 30 9.35 13.23 3.41
CA PHE C 30 9.79 13.07 2.04
C PHE C 30 9.78 14.42 1.33
N CYS C 31 10.67 14.57 0.34
CA CYS C 31 10.73 15.77 -0.48
C CYS C 31 10.63 15.37 -1.95
N ILE C 32 10.03 16.27 -2.74
CA ILE C 32 9.99 16.09 -4.19
C ILE C 32 10.53 17.31 -4.90
N GLU C 33 11.10 17.09 -6.08
CA GLU C 33 11.44 18.17 -6.99
C GLU C 33 10.77 17.87 -8.33
N GLY C 34 10.22 18.91 -8.93
CA GLY C 34 9.59 18.80 -10.23
C GLY C 34 10.01 19.91 -11.17
N LYS C 35 9.86 19.66 -12.46
CA LYS C 35 10.19 20.63 -13.49
C LYS C 35 8.96 20.96 -14.33
N GLN C 36 8.77 22.24 -14.61
CA GLN C 36 7.75 22.67 -15.56
C GLN C 36 8.33 22.62 -16.99
N SER C 37 7.48 22.92 -17.97
CA SER C 37 7.84 22.81 -19.40
C SER C 37 9.14 23.52 -19.77
N ALA C 38 9.35 24.71 -19.19
CA ALA C 38 10.51 25.55 -19.51
C ALA C 38 11.75 25.18 -18.69
N GLY C 39 11.58 24.30 -17.72
CA GLY C 39 12.67 23.86 -16.85
C GLY C 39 12.68 24.49 -15.47
N SER C 40 11.68 25.32 -15.15
CA SER C 40 11.62 25.94 -13.84
C SER C 40 11.24 24.92 -12.77
N SER C 41 11.92 25.03 -11.62
CA SER C 41 11.83 24.03 -10.56
C SER C 41 10.92 24.44 -9.40
N ILE C 42 10.35 23.42 -8.76
CA ILE C 42 9.62 23.58 -7.50
C ILE C 42 9.97 22.41 -6.57
N SER C 43 10.41 22.73 -5.36
CA SER C 43 10.62 21.75 -4.31
C SER C 43 9.55 21.92 -3.24
N ALA C 44 9.12 20.81 -2.64
CA ALA C 44 8.20 20.81 -1.52
C ALA C 44 8.36 19.56 -0.67
N CYS C 45 8.30 19.73 0.65
CA CYS C 45 8.44 18.62 1.60
C CYS C 45 7.18 18.39 2.42
N SER C 46 6.88 17.12 2.69
CA SER C 46 5.81 16.75 3.60
C SER C 46 6.40 15.98 4.78
N MET C 47 5.95 16.28 5.99
CA MET C 47 6.50 15.72 7.21
C MET C 47 5.40 15.20 8.14
N LYS C 48 5.52 13.94 8.55
CA LYS C 48 4.53 13.29 9.39
C LYS C 48 4.39 13.98 10.76
N ASN C 49 3.14 14.22 11.16
CA ASN C 49 2.82 14.83 12.47
C ASN C 49 3.50 16.18 12.71
N SER C 50 3.74 16.92 11.63
CA SER C 50 4.47 18.18 11.71
C SER C 50 3.56 19.32 12.16
N SER C 51 3.64 20.43 11.43
CA SER C 51 2.83 21.60 11.67
C SER C 51 1.37 21.37 11.30
N VAL C 52 0.80 22.27 10.50
CA VAL C 52 -0.62 22.17 10.16
C VAL C 52 -0.89 21.15 9.04
N TRP C 53 0.13 20.84 8.22
CA TRP C 53 -0.05 19.94 7.08
C TRP C 53 0.39 18.48 7.35
N GLY C 54 0.80 18.18 8.58
CA GLY C 54 1.26 16.85 8.96
C GLY C 54 0.28 15.71 8.72
N ALA C 55 -1.01 16.02 8.81
CA ALA C 55 -2.09 15.04 8.62
C ALA C 55 -2.12 14.41 7.23
N SER C 56 -1.61 15.13 6.24
CA SER C 56 -1.64 14.71 4.83
C SER C 56 -0.43 13.90 4.38
N PHE C 57 0.52 13.66 5.28
CA PHE C 57 1.77 12.97 4.95
C PHE C 57 1.58 11.65 4.18
N SER C 58 0.76 10.75 4.70
CA SER C 58 0.55 9.43 4.10
C SER C 58 -0.03 9.50 2.70
N THR C 59 -1.11 10.28 2.56
CA THR C 59 -1.77 10.48 1.28
C THR C 59 -0.82 11.13 0.26
N LEU C 60 -0.15 12.21 0.68
CA LEU C 60 0.78 12.91 -0.20
C LEU C 60 1.96 12.04 -0.63
N TYR C 61 2.46 11.21 0.29
CA TYR C 61 3.56 10.29 -0.03
C TYR C 61 3.15 9.29 -1.10
N ASN C 62 2.00 8.65 -0.89
CA ASN C 62 1.44 7.68 -1.82
C ASN C 62 1.19 8.32 -3.20
N GLN C 63 0.57 9.50 -3.19
CA GLN C 63 0.20 10.19 -4.42
C GLN C 63 1.39 10.75 -5.19
N ALA C 64 2.38 11.29 -4.46
CA ALA C 64 3.59 11.83 -5.07
C ALA C 64 4.47 10.74 -5.69
N LEU C 65 4.60 9.60 -5.01
CA LEU C 65 5.34 8.47 -5.56
C LEU C 65 4.63 7.89 -6.77
N TYR C 66 3.29 7.90 -6.74
CA TYR C 66 2.49 7.48 -7.88
C TYR C 66 2.79 8.34 -9.11
N PHE C 67 2.73 9.67 -8.94
CA PHE C 67 2.97 10.61 -10.04
C PHE C 67 4.43 10.64 -10.50
N TYR C 68 5.35 10.36 -9.58
CA TYR C 68 6.76 10.19 -9.95
C TYR C 68 6.91 9.00 -10.90
N THR C 69 6.16 7.92 -10.61
CA THR C 69 6.17 6.69 -11.42
C THR C 69 5.60 6.88 -12.82
N THR C 70 4.44 7.53 -12.91
CA THR C 70 3.77 7.74 -14.20
C THR C 70 4.45 8.80 -15.05
N GLY C 71 5.03 9.80 -14.38
CA GLY C 71 5.67 10.93 -15.06
C GLY C 71 4.65 11.93 -15.61
N GLN C 72 3.42 11.86 -15.09
CA GLN C 72 2.34 12.79 -15.44
C GLN C 72 2.67 14.22 -15.07
N PRO C 73 2.24 15.19 -15.90
CA PRO C 73 2.35 16.59 -15.49
C PRO C 73 1.24 16.89 -14.49
N VAL C 74 1.63 17.35 -13.30
CA VAL C 74 0.71 17.50 -12.18
C VAL C 74 0.82 18.88 -11.55
N ARG C 75 -0.17 19.23 -10.73
CA ARG C 75 -0.12 20.48 -9.98
C ARG C 75 0.44 20.24 -8.60
N ILE C 76 1.50 20.98 -8.27
CA ILE C 76 2.04 20.97 -6.92
C ILE C 76 1.52 22.19 -6.16
N TYR C 77 0.76 21.92 -5.10
CA TYR C 77 0.33 22.96 -4.18
C TYR C 77 1.33 22.98 -3.04
N TYR C 78 1.75 24.18 -2.65
CA TYR C 78 2.78 24.34 -1.62
C TYR C 78 2.54 25.57 -0.74
N GLU C 79 3.11 25.55 0.46
CA GLU C 79 3.12 26.71 1.35
C GLU C 79 4.56 27.01 1.75
N PRO C 80 5.08 28.19 1.31
CA PRO C 80 6.45 28.57 1.68
C PRO C 80 6.59 28.97 3.15
N GLY C 81 7.82 28.87 3.67
CA GLY C 81 8.14 29.32 5.02
C GLY C 81 7.70 28.41 6.14
N VAL C 82 7.32 27.17 5.82
CA VAL C 82 6.83 26.23 6.83
C VAL C 82 7.99 25.57 7.60
N TRP C 83 8.98 25.04 6.87
CA TRP C 83 10.17 24.47 7.48
C TRP C 83 11.16 25.58 7.78
N THR C 84 11.69 25.60 9.01
CA THR C 84 12.46 26.74 9.51
C THR C 84 13.88 26.39 9.97
N TYR C 85 14.19 25.11 10.09
CA TYR C 85 15.55 24.68 10.46
C TYR C 85 16.51 24.98 9.30
N PRO C 86 17.47 25.90 9.51
CA PRO C 86 18.33 26.43 8.44
C PRO C 86 19.09 25.41 7.55
N PRO C 87 19.80 24.41 8.14
CA PRO C 87 20.41 23.40 7.28
C PRO C 87 19.40 22.64 6.41
N PHE C 88 18.21 22.38 6.95
CA PHE C 88 17.13 21.72 6.21
C PHE C 88 16.67 22.58 5.03
N VAL C 89 16.37 23.86 5.31
CA VAL C 89 15.93 24.82 4.29
C VAL C 89 16.99 24.97 3.19
N LYS C 90 18.25 25.06 3.59
CA LYS C 90 19.38 25.24 2.68
C LYS C 90 19.59 24.03 1.76
N ALA C 91 19.51 22.84 2.32
CA ALA C 91 19.69 21.60 1.56
C ALA C 91 18.48 21.27 0.70
N LEU C 92 17.30 21.58 1.22
CA LEU C 92 16.04 21.23 0.58
C LEU C 92 15.18 22.48 0.31
N THR C 93 14.20 22.72 1.18
CA THR C 93 13.25 23.82 0.99
C THR C 93 12.47 24.13 2.27
N SER C 94 11.87 25.33 2.30
CA SER C 94 10.94 25.72 3.37
C SER C 94 9.51 25.41 2.97
N ASN C 95 9.31 25.09 1.70
CA ASN C 95 7.98 24.74 1.18
C ASN C 95 7.45 23.44 1.73
N ALA C 96 6.22 23.48 2.24
CA ALA C 96 5.47 22.29 2.57
C ALA C 96 4.62 21.90 1.37
N LEU C 97 4.57 20.61 1.07
CA LEU C 97 3.62 20.10 0.07
C LEU C 97 2.26 20.01 0.74
N VAL C 98 1.26 20.62 0.10
CA VAL C 98 -0.08 20.75 0.69
C VAL C 98 -1.19 20.23 -0.21
N GLY C 99 -0.83 19.78 -1.41
CA GLY C 99 -1.79 19.24 -2.35
C GLY C 99 -1.22 18.78 -3.66
N LEU C 100 -1.96 17.92 -4.35
CA LEU C 100 -1.60 17.43 -5.68
C LEU C 100 -2.84 17.30 -6.56
N SER C 101 -2.68 17.58 -7.86
CA SER C 101 -3.75 17.43 -8.84
C SER C 101 -3.23 16.93 -10.19
N THR C 102 -4.04 16.14 -10.89
CA THR C 102 -3.78 15.82 -12.28
C THR C 102 -4.03 17.05 -13.16
N CYS C 103 -3.41 17.09 -14.34
CA CYS C 103 -3.58 18.21 -15.25
C CYS C 103 -4.02 17.76 -16.64
N THR C 104 -4.89 18.55 -17.26
CA THR C 104 -5.33 18.29 -18.62
C THR C 104 -4.40 19.00 -19.61
N THR C 105 -3.92 20.18 -19.21
CA THR C 105 -2.86 20.88 -19.95
C THR C 105 -1.73 21.24 -18.99
N SER C 106 -0.71 21.91 -19.51
CA SER C 106 0.44 22.34 -18.69
C SER C 106 0.05 23.43 -17.68
N THR C 107 -1.15 23.97 -17.83
CA THR C 107 -1.60 25.09 -17.03
C THR C 107 -2.99 24.86 -16.41
N GLU C 108 -3.80 24.01 -17.05
CA GLU C 108 -5.13 23.67 -16.55
C GLU C 108 -5.10 22.34 -15.80
N CYS C 109 -5.47 22.37 -14.52
CA CYS C 109 -5.40 21.19 -13.66
C CYS C 109 -6.65 21.07 -12.80
N PHE C 110 -6.97 19.84 -12.38
CA PHE C 110 -8.17 19.56 -11.59
C PHE C 110 -8.11 20.18 -10.20
N GLY C 111 -9.25 20.67 -9.72
CA GLY C 111 -9.35 21.18 -8.36
C GLY C 111 -9.17 22.67 -8.22
N PRO C 112 -8.93 23.14 -6.98
CA PRO C 112 -8.88 24.57 -6.68
C PRO C 112 -7.59 25.26 -7.12
N ASP C 113 -7.65 26.57 -7.23
CA ASP C 113 -6.45 27.38 -7.37
C ASP C 113 -5.90 27.63 -5.98
N ARG C 114 -4.58 27.61 -5.83
CA ARG C 114 -3.93 28.13 -4.64
C ARG C 114 -3.14 29.35 -5.08
N LYS C 115 -3.76 30.51 -4.94
CA LYS C 115 -3.34 31.72 -5.63
C LYS C 115 -3.65 32.94 -4.79
N LYS C 116 -2.68 33.85 -4.67
CA LYS C 116 -2.95 35.18 -4.14
C LYS C 116 -3.84 35.90 -5.16
N ASN C 117 -4.84 36.63 -4.67
CA ASN C 117 -5.65 37.48 -5.53
C ASN C 117 -4.79 38.62 -6.08
N SER C 118 -5.24 39.24 -7.16
CA SER C 118 -4.55 40.42 -7.69
C SER C 118 -5.24 41.70 -7.24
N LEU C 119 -4.57 42.83 -7.41
CA LEU C 119 -5.12 44.12 -7.02
C LEU C 119 -5.74 44.87 -8.20
N GLU C 120 -6.94 45.43 -7.97
CA GLU C 120 -7.65 46.23 -8.97
C GLU C 120 -7.09 47.65 -9.04
N GLU D 1 -26.88 3.85 7.87
CA GLU D 1 -26.59 4.42 6.53
C GLU D 1 -25.85 3.38 5.68
N TRP D 2 -26.01 3.49 4.36
CA TRP D 2 -25.43 2.53 3.44
C TRP D 2 -25.33 3.10 2.04
N THR D 3 -24.30 2.65 1.33
CA THR D 3 -24.05 2.99 -0.07
C THR D 3 -25.28 2.72 -0.95
N GLY D 4 -25.97 1.61 -0.69
CA GLY D 4 -27.14 1.22 -1.46
C GLY D 4 -28.49 1.72 -0.95
N ASP D 5 -28.46 2.75 -0.11
CA ASP D 5 -29.68 3.43 0.34
C ASP D 5 -30.45 4.03 -0.83
N ALA D 6 -31.78 4.04 -0.70
CA ALA D 6 -32.65 4.62 -1.73
C ALA D 6 -32.59 6.15 -1.70
N ARG D 7 -31.47 6.69 -2.20
CA ARG D 7 -31.17 8.11 -2.19
C ARG D 7 -30.42 8.53 -3.45
N ASP D 8 -30.27 9.84 -3.67
CA ASP D 8 -29.31 10.36 -4.65
C ASP D 8 -27.90 10.08 -4.13
N GLY D 9 -27.04 9.47 -4.94
CA GLY D 9 -27.34 9.00 -6.29
C GLY D 9 -26.16 8.22 -6.86
N MET D 10 -26.18 7.97 -8.16
CA MET D 10 -25.13 7.21 -8.83
C MET D 10 -24.96 7.56 -10.30
N PHE D 11 -23.71 7.51 -10.76
CA PHE D 11 -23.39 7.63 -12.19
C PHE D 11 -22.68 6.35 -12.62
N SER D 12 -23.26 5.67 -13.60
CA SER D 12 -22.69 4.41 -14.10
C SER D 12 -21.88 4.60 -15.38
N GLY D 13 -20.92 3.71 -15.59
CA GLY D 13 -20.11 3.70 -16.80
C GLY D 13 -19.22 4.93 -16.95
N VAL D 14 -18.71 5.44 -15.84
CA VAL D 14 -17.82 6.59 -15.89
C VAL D 14 -16.35 6.16 -15.84
N VAL D 15 -15.51 6.87 -16.57
CA VAL D 15 -14.07 6.70 -16.47
C VAL D 15 -13.53 7.81 -15.57
N ILE D 16 -12.82 7.43 -14.52
CA ILE D 16 -12.18 8.43 -13.65
C ILE D 16 -11.02 9.08 -14.41
N THR D 17 -11.17 10.37 -14.69
CA THR D 17 -10.25 11.09 -15.56
C THR D 17 -9.37 12.08 -14.79
N GLN D 18 -9.86 12.56 -13.65
CA GLN D 18 -9.13 13.54 -12.86
C GLN D 18 -9.07 13.18 -11.37
N PHE D 19 -7.93 13.52 -10.75
CA PHE D 19 -7.65 13.15 -9.37
C PHE D 19 -7.03 14.34 -8.64
N HIS D 20 -7.55 14.64 -7.45
CA HIS D 20 -7.01 15.71 -6.62
C HIS D 20 -6.95 15.29 -5.17
N THR D 21 -5.85 15.64 -4.51
CA THR D 21 -5.75 15.46 -3.06
C THR D 21 -5.25 16.72 -2.37
N GLY D 22 -5.74 16.94 -1.16
CA GLY D 22 -5.33 18.08 -0.36
C GLY D 22 -5.70 17.90 1.09
N GLN D 23 -5.85 19.02 1.79
CA GLN D 23 -6.21 19.01 3.20
C GLN D 23 -7.07 20.23 3.52
N ILE D 24 -8.08 20.02 4.37
CA ILE D 24 -8.93 21.08 4.88
C ILE D 24 -9.30 20.79 6.34
N ASP D 25 -9.08 21.78 7.20
CA ASP D 25 -9.41 21.68 8.63
C ASP D 25 -8.77 20.45 9.31
N ASN D 26 -7.48 20.24 9.04
CA ASN D 26 -6.68 19.12 9.55
C ASN D 26 -7.10 17.75 9.02
N LYS D 27 -7.94 17.73 7.99
CA LYS D 27 -8.40 16.48 7.38
C LYS D 27 -7.92 16.30 5.94
N PRO D 28 -7.16 15.23 5.68
CA PRO D 28 -6.83 14.88 4.29
C PRO D 28 -8.09 14.48 3.53
N TYR D 29 -8.15 14.86 2.25
CA TYR D 29 -9.25 14.49 1.39
C TYR D 29 -8.73 14.23 -0.01
N PHE D 30 -9.54 13.56 -0.82
CA PHE D 30 -9.29 13.46 -2.24
C PHE D 30 -10.59 13.66 -3.02
N CYS D 31 -10.47 14.09 -4.26
CA CYS D 31 -11.62 14.27 -5.14
C CYS D 31 -11.33 13.61 -6.48
N ILE D 32 -12.38 13.10 -7.10
CA ILE D 32 -12.25 12.53 -8.44
C ILE D 32 -13.26 13.17 -9.38
N GLU D 33 -12.94 13.14 -10.67
CA GLU D 33 -13.89 13.54 -11.69
C GLU D 33 -13.98 12.45 -12.75
N GLY D 34 -15.21 12.09 -13.10
CA GLY D 34 -15.47 11.05 -14.07
C GLY D 34 -16.39 11.49 -15.18
N LYS D 35 -16.07 11.05 -16.40
CA LYS D 35 -16.87 11.35 -17.59
C LYS D 35 -17.58 10.10 -18.09
N GLN D 36 -18.85 10.26 -18.45
CA GLN D 36 -19.62 9.20 -19.09
C GLN D 36 -19.45 9.23 -20.61
N SER D 37 -19.88 8.17 -21.28
CA SER D 37 -19.81 8.06 -22.75
C SER D 37 -20.34 9.29 -23.47
N ALA D 38 -21.51 9.77 -23.03
CA ALA D 38 -22.17 10.93 -23.63
C ALA D 38 -21.47 12.26 -23.33
N GLY D 39 -20.53 12.24 -22.40
CA GLY D 39 -19.79 13.44 -22.02
C GLY D 39 -20.19 14.01 -20.67
N SER D 40 -21.25 13.46 -20.07
CA SER D 40 -21.73 13.87 -18.75
C SER D 40 -20.69 13.68 -17.66
N SER D 41 -20.64 14.63 -16.74
CA SER D 41 -19.58 14.73 -15.74
C SER D 41 -20.08 14.52 -14.31
N ILE D 42 -19.25 13.89 -13.50
CA ILE D 42 -19.52 13.72 -12.06
C ILE D 42 -18.26 13.93 -11.22
N SER D 43 -18.39 14.75 -10.19
CA SER D 43 -17.33 14.96 -9.20
C SER D 43 -17.77 14.44 -7.83
N ALA D 44 -16.82 13.88 -7.09
CA ALA D 44 -17.08 13.41 -5.72
C ALA D 44 -15.81 13.44 -4.89
N CYS D 45 -15.93 13.86 -3.64
CA CYS D 45 -14.80 13.93 -2.72
C CYS D 45 -14.99 13.03 -1.51
N SER D 46 -13.89 12.46 -1.03
CA SER D 46 -13.88 11.69 0.20
C SER D 46 -12.89 12.33 1.16
N MET D 47 -13.33 12.55 2.40
CA MET D 47 -12.51 13.23 3.40
C MET D 47 -12.32 12.36 4.64
N LYS D 48 -11.08 12.28 5.10
CA LYS D 48 -10.73 11.45 6.25
C LYS D 48 -11.32 12.03 7.53
N ASN D 49 -12.00 11.17 8.30
CA ASN D 49 -12.56 11.53 9.62
C ASN D 49 -13.65 12.60 9.59
N SER D 50 -14.30 12.76 8.44
CA SER D 50 -15.31 13.79 8.27
C SER D 50 -16.65 13.23 7.85
N SER D 51 -17.71 13.68 8.53
CA SER D 51 -19.09 13.23 8.33
C SER D 51 -19.28 11.72 8.51
N VAL D 52 -20.41 11.19 8.05
CA VAL D 52 -20.69 9.76 8.17
C VAL D 52 -19.84 8.89 7.24
N TRP D 53 -19.41 9.46 6.12
CA TRP D 53 -18.68 8.70 5.09
C TRP D 53 -17.16 8.70 5.27
N GLY D 54 -16.68 9.36 6.32
CA GLY D 54 -15.25 9.47 6.61
C GLY D 54 -14.52 8.15 6.83
N ALA D 55 -15.25 7.16 7.35
CA ALA D 55 -14.67 5.84 7.64
C ALA D 55 -14.19 5.09 6.39
N SER D 56 -14.69 5.50 5.23
CA SER D 56 -14.38 4.85 3.95
C SER D 56 -13.21 5.47 3.20
N PHE D 57 -12.70 6.60 3.70
CA PHE D 57 -11.66 7.38 3.01
C PHE D 57 -10.51 6.53 2.43
N SER D 58 -9.91 5.68 3.27
CA SER D 58 -8.76 4.87 2.87
C SER D 58 -9.07 3.84 1.78
N THR D 59 -10.19 3.14 1.94
CA THR D 59 -10.65 2.17 0.95
C THR D 59 -10.96 2.86 -0.37
N LEU D 60 -11.69 3.97 -0.28
CA LEU D 60 -12.11 4.72 -1.47
C LEU D 60 -10.94 5.36 -2.21
N TYR D 61 -9.93 5.83 -1.46
CA TYR D 61 -8.72 6.39 -2.06
C TYR D 61 -7.97 5.32 -2.84
N ASN D 62 -7.73 4.19 -2.18
CA ASN D 62 -7.11 3.02 -2.78
C ASN D 62 -7.83 2.54 -4.04
N GLN D 63 -9.16 2.44 -3.97
CA GLN D 63 -9.96 1.90 -5.07
C GLN D 63 -10.12 2.90 -6.23
N ALA D 64 -10.27 4.18 -5.90
CA ALA D 64 -10.39 5.23 -6.91
C ALA D 64 -9.09 5.41 -7.69
N LEU D 65 -7.96 5.38 -7.00
CA LEU D 65 -6.66 5.48 -7.65
C LEU D 65 -6.38 4.26 -8.52
N TYR D 66 -6.81 3.09 -8.03
CA TYR D 66 -6.77 1.87 -8.84
C TYR D 66 -7.55 2.03 -10.14
N PHE D 67 -8.82 2.45 -10.03
CA PHE D 67 -9.69 2.62 -11.20
C PHE D 67 -9.20 3.71 -12.16
N TYR D 68 -8.60 4.76 -11.60
CA TYR D 68 -7.99 5.82 -12.40
C TYR D 68 -6.80 5.28 -13.20
N THR D 69 -6.06 4.34 -12.61
CA THR D 69 -4.92 3.71 -13.27
C THR D 69 -5.34 2.80 -14.44
N THR D 70 -6.36 1.99 -14.22
CA THR D 70 -6.84 1.05 -15.26
C THR D 70 -7.62 1.76 -16.36
N GLY D 71 -8.30 2.85 -15.99
CA GLY D 71 -9.14 3.60 -16.91
C GLY D 71 -10.45 2.91 -17.28
N GLN D 72 -10.83 1.90 -16.51
CA GLN D 72 -12.06 1.14 -16.76
C GLN D 72 -13.32 1.94 -16.41
N PRO D 73 -14.44 1.68 -17.13
CA PRO D 73 -15.71 2.32 -16.78
C PRO D 73 -16.22 1.80 -15.43
N VAL D 74 -16.56 2.71 -14.54
CA VAL D 74 -16.98 2.35 -13.18
C VAL D 74 -18.24 3.10 -12.76
N ARG D 75 -18.81 2.70 -11.63
CA ARG D 75 -19.92 3.41 -11.04
C ARG D 75 -19.48 4.25 -9.85
N ILE D 76 -19.79 5.54 -9.91
CA ILE D 76 -19.58 6.45 -8.79
C ILE D 76 -20.87 6.54 -7.97
N TYR D 77 -20.81 6.08 -6.72
CA TYR D 77 -21.86 6.33 -5.75
C TYR D 77 -21.52 7.62 -4.99
N TYR D 78 -22.48 8.55 -4.91
CA TYR D 78 -22.23 9.82 -4.27
C TYR D 78 -23.43 10.30 -3.44
N GLU D 79 -23.15 11.19 -2.49
CA GLU D 79 -24.22 11.89 -1.77
C GLU D 79 -24.03 13.40 -1.87
N PRO D 80 -24.97 14.08 -2.56
CA PRO D 80 -24.91 15.54 -2.72
C PRO D 80 -25.17 16.30 -1.42
N GLY D 81 -24.57 17.47 -1.29
CA GLY D 81 -24.85 18.40 -0.19
C GLY D 81 -24.07 18.17 1.09
N VAL D 82 -23.10 17.27 1.06
CA VAL D 82 -22.33 16.90 2.25
C VAL D 82 -21.30 17.97 2.63
N TRP D 83 -20.53 18.44 1.65
CA TRP D 83 -19.55 19.50 1.90
C TRP D 83 -20.25 20.85 1.76
N THR D 84 -19.97 21.75 2.71
CA THR D 84 -20.74 23.00 2.85
C THR D 84 -19.90 24.26 2.83
N TYR D 85 -18.58 24.14 3.01
CA TYR D 85 -17.66 25.28 2.89
C TYR D 85 -17.73 25.81 1.46
N PRO D 86 -18.30 27.03 1.28
CA PRO D 86 -18.59 27.56 -0.06
C PRO D 86 -17.43 27.56 -1.09
N PRO D 87 -16.20 28.01 -0.70
CA PRO D 87 -15.08 27.92 -1.64
C PRO D 87 -14.69 26.49 -2.04
N PHE D 88 -14.78 25.55 -1.10
CA PHE D 88 -14.58 24.12 -1.39
C PHE D 88 -15.59 23.63 -2.44
N VAL D 89 -16.87 23.88 -2.18
CA VAL D 89 -17.97 23.44 -3.05
C VAL D 89 -17.88 24.02 -4.47
N LYS D 90 -17.51 25.31 -4.56
CA LYS D 90 -17.39 26.00 -5.83
C LYS D 90 -16.25 25.44 -6.68
N ALA D 91 -15.09 25.23 -6.05
CA ALA D 91 -13.89 24.77 -6.73
C ALA D 91 -13.92 23.28 -7.05
N LEU D 92 -14.68 22.53 -6.26
CA LEU D 92 -14.75 21.07 -6.37
C LEU D 92 -16.21 20.59 -6.51
N THR D 93 -16.81 20.20 -5.39
CA THR D 93 -18.18 19.68 -5.35
C THR D 93 -18.70 19.59 -3.89
N SER D 94 -20.02 19.49 -3.74
CA SER D 94 -20.62 19.19 -2.44
C SER D 94 -20.75 17.67 -2.24
N ASN D 95 -20.61 16.92 -3.34
CA ASN D 95 -20.78 15.45 -3.34
C ASN D 95 -19.70 14.70 -2.58
N ALA D 96 -20.14 13.86 -1.64
CA ALA D 96 -19.26 12.92 -0.98
C ALA D 96 -19.22 11.63 -1.79
N LEU D 97 -18.02 11.08 -1.99
CA LEU D 97 -17.88 9.75 -2.57
C LEU D 97 -18.25 8.72 -1.51
N VAL D 98 -19.19 7.84 -1.85
CA VAL D 98 -19.74 6.89 -0.86
C VAL D 98 -19.57 5.44 -1.27
N GLY D 99 -19.09 5.20 -2.49
CA GLY D 99 -18.86 3.84 -2.99
C GLY D 99 -18.40 3.79 -4.43
N LEU D 100 -17.87 2.63 -4.84
CA LEU D 100 -17.38 2.41 -6.21
C LEU D 100 -17.69 0.98 -6.68
N SER D 101 -17.95 0.84 -7.98
CA SER D 101 -18.25 -0.47 -8.58
C SER D 101 -17.67 -0.61 -9.97
N THR D 102 -17.20 -1.82 -10.29
CA THR D 102 -16.91 -2.20 -11.67
C THR D 102 -18.22 -2.34 -12.44
N CYS D 103 -18.17 -2.14 -13.75
CA CYS D 103 -19.36 -2.22 -14.60
C CYS D 103 -19.17 -3.21 -15.73
N THR D 104 -20.26 -3.88 -16.11
CA THR D 104 -20.24 -4.79 -17.27
C THR D 104 -20.70 -4.07 -18.53
N THR D 105 -21.69 -3.18 -18.38
CA THR D 105 -22.10 -2.28 -19.46
C THR D 105 -22.08 -0.84 -18.94
N SER D 106 -22.54 0.09 -19.77
CA SER D 106 -22.58 1.50 -19.40
C SER D 106 -23.61 1.80 -18.31
N THR D 107 -24.58 0.89 -18.15
CA THR D 107 -25.63 1.07 -17.13
C THR D 107 -25.65 -0.03 -16.05
N GLU D 108 -25.20 -1.23 -16.42
CA GLU D 108 -25.20 -2.37 -15.49
C GLU D 108 -23.85 -2.48 -14.78
N CYS D 109 -23.85 -2.28 -13.47
CA CYS D 109 -22.63 -2.36 -12.66
C CYS D 109 -22.85 -3.26 -11.46
N PHE D 110 -21.75 -3.77 -10.89
CA PHE D 110 -21.81 -4.70 -9.77
C PHE D 110 -22.26 -4.00 -8.49
N GLY D 111 -23.17 -4.63 -7.76
CA GLY D 111 -23.60 -4.10 -6.46
C GLY D 111 -24.96 -3.43 -6.45
N PRO D 112 -25.24 -2.64 -5.40
CA PRO D 112 -26.56 -2.06 -5.18
C PRO D 112 -26.86 -0.85 -6.06
N ASP D 113 -28.15 -0.55 -6.21
CA ASP D 113 -28.55 0.73 -6.75
C ASP D 113 -28.54 1.75 -5.62
N ARG D 114 -28.13 2.98 -5.94
CA ARG D 114 -28.36 4.13 -5.07
C ARG D 114 -29.27 5.09 -5.83
N LYS D 115 -30.57 4.86 -5.67
CA LYS D 115 -31.61 5.56 -6.42
C LYS D 115 -32.70 6.09 -5.51
N LYS D 116 -33.14 7.32 -5.76
CA LYS D 116 -34.35 7.87 -5.16
C LYS D 116 -35.59 7.04 -5.54
N ASN D 117 -36.63 7.10 -4.71
CA ASN D 117 -37.94 6.53 -5.05
C ASN D 117 -38.90 7.57 -5.62
N GLU E 1 14.82 -13.25 20.12
CA GLU E 1 14.70 -14.14 18.94
C GLU E 1 15.16 -13.36 17.72
N TRP E 2 15.61 -14.10 16.70
CA TRP E 2 16.10 -13.49 15.48
C TRP E 2 16.03 -14.49 14.32
N THR E 3 15.66 -13.98 13.16
CA THR E 3 15.72 -14.71 11.89
C THR E 3 17.05 -15.45 11.73
N GLY E 4 18.15 -14.81 12.13
CA GLY E 4 19.46 -15.41 11.98
C GLY E 4 19.96 -16.26 13.14
N ASP E 5 19.07 -16.62 14.08
CA ASP E 5 19.43 -17.52 15.19
C ASP E 5 19.91 -18.88 14.67
N ALA E 6 20.77 -19.52 15.45
CA ALA E 6 21.37 -20.80 15.05
C ALA E 6 20.38 -21.97 15.22
N ARG E 7 19.40 -22.04 14.32
CA ARG E 7 18.30 -22.99 14.42
C ARG E 7 17.77 -23.38 13.03
N ASP E 8 16.88 -24.38 13.00
CA ASP E 8 16.12 -24.69 11.80
C ASP E 8 15.12 -23.57 11.55
N GLY E 9 15.03 -23.05 10.32
CA GLY E 9 15.88 -23.45 9.19
C GLY E 9 15.66 -22.52 8.03
N MET E 10 16.27 -22.84 6.89
CA MET E 10 16.09 -22.05 5.66
C MET E 10 16.15 -22.90 4.40
N PHE E 11 15.38 -22.53 3.39
CA PHE E 11 15.47 -23.11 2.05
C PHE E 11 15.84 -21.98 1.10
N SER E 12 16.96 -22.14 0.39
CA SER E 12 17.42 -21.12 -0.56
C SER E 12 17.04 -21.46 -2.00
N GLY E 13 16.95 -20.44 -2.84
CA GLY E 13 16.64 -20.60 -4.26
C GLY E 13 15.24 -21.13 -4.51
N VAL E 14 14.29 -20.61 -3.74
CA VAL E 14 12.90 -21.07 -3.80
C VAL E 14 12.04 -20.08 -4.59
N VAL E 15 11.22 -20.59 -5.50
CA VAL E 15 10.20 -19.78 -6.17
C VAL E 15 8.87 -19.97 -5.44
N ILE E 16 8.29 -18.86 -4.96
CA ILE E 16 6.99 -18.90 -4.29
C ILE E 16 5.91 -19.16 -5.33
N THR E 17 5.26 -20.32 -5.22
CA THR E 17 4.35 -20.79 -6.26
C THR E 17 2.88 -20.79 -5.82
N GLN E 18 2.64 -20.83 -4.51
CA GLN E 18 1.28 -20.84 -3.98
C GLN E 18 1.11 -19.85 -2.84
N PHE E 19 -0.08 -19.27 -2.75
CA PHE E 19 -0.39 -18.25 -1.75
C PHE E 19 -1.79 -18.49 -1.19
N HIS E 20 -1.87 -18.54 0.13
CA HIS E 20 -3.15 -18.70 0.82
C HIS E 20 -3.26 -17.68 1.94
N THR E 21 -4.45 -17.11 2.10
CA THR E 21 -4.71 -16.21 3.23
C THR E 21 -6.05 -16.55 3.89
N GLY E 22 -6.10 -16.40 5.20
CA GLY E 22 -7.31 -16.70 5.97
C GLY E 22 -7.32 -16.07 7.33
N GLN E 23 -8.11 -16.65 8.24
CA GLN E 23 -8.22 -16.17 9.61
C GLN E 23 -8.44 -17.34 10.55
N ILE E 24 -7.80 -17.27 11.72
CA ILE E 24 -8.03 -18.24 12.80
C ILE E 24 -7.94 -17.54 14.16
N ASP E 25 -8.92 -17.78 15.02
CA ASP E 25 -8.94 -17.25 16.39
C ASP E 25 -8.82 -15.73 16.40
N ASN E 26 -9.59 -15.07 15.52
CA ASN E 26 -9.60 -13.62 15.34
C ASN E 26 -8.26 -13.02 14.89
N LYS E 27 -7.45 -13.82 14.20
CA LYS E 27 -6.14 -13.38 13.71
C LYS E 27 -6.00 -13.70 12.21
N PRO E 28 -5.70 -12.68 11.40
CA PRO E 28 -5.41 -12.94 9.98
C PRO E 28 -4.05 -13.65 9.81
N TYR E 29 -3.97 -14.51 8.80
CA TYR E 29 -2.74 -15.23 8.52
C TYR E 29 -2.58 -15.45 7.02
N PHE E 30 -1.35 -15.71 6.59
CA PHE E 30 -1.10 -16.12 5.23
C PHE E 30 -0.06 -17.23 5.22
N CYS E 31 -0.15 -18.11 4.23
CA CYS E 31 0.83 -19.16 4.03
C CYS E 31 1.35 -19.13 2.60
N ILE E 32 2.62 -19.48 2.45
CA ILE E 32 3.22 -19.62 1.12
C ILE E 32 3.80 -21.02 0.92
N GLU E 33 3.79 -21.48 -0.31
CA GLU E 33 4.45 -22.72 -0.69
C GLU E 33 5.44 -22.38 -1.79
N GLY E 34 6.60 -23.03 -1.75
CA GLY E 34 7.66 -22.75 -2.71
C GLY E 34 8.45 -23.98 -3.10
N LYS E 35 8.88 -23.99 -4.36
CA LYS E 35 9.66 -25.10 -4.90
C LYS E 35 11.08 -24.67 -5.25
N GLN E 36 12.05 -25.51 -4.90
CA GLN E 36 13.40 -25.40 -5.42
C GLN E 36 13.41 -26.12 -6.78
N SER E 37 14.34 -25.75 -7.65
CA SER E 37 14.44 -26.35 -9.00
C SER E 37 14.57 -27.87 -9.01
N ALA E 38 15.04 -28.44 -7.90
CA ALA E 38 15.09 -29.89 -7.71
C ALA E 38 13.72 -30.49 -7.36
N GLY E 39 12.69 -29.63 -7.30
CA GLY E 39 11.30 -29.99 -6.95
C GLY E 39 11.05 -30.15 -5.44
N SER E 40 12.08 -29.89 -4.63
CA SER E 40 11.94 -29.91 -3.17
C SER E 40 11.07 -28.75 -2.69
N SER E 41 10.16 -29.04 -1.75
CA SER E 41 9.10 -28.10 -1.38
C SER E 41 9.20 -27.59 0.06
N ILE E 42 8.75 -26.35 0.28
CA ILE E 42 8.70 -25.74 1.62
C ILE E 42 7.42 -24.92 1.83
N SER E 43 6.78 -25.12 2.98
CA SER E 43 5.62 -24.34 3.38
C SER E 43 5.90 -23.58 4.67
N ALA E 44 5.36 -22.35 4.75
CA ALA E 44 5.48 -21.54 5.97
C ALA E 44 4.33 -20.55 6.07
N CYS E 45 3.86 -20.34 7.30
CA CYS E 45 2.76 -19.40 7.56
C CYS E 45 3.17 -18.26 8.49
N SER E 46 2.63 -17.08 8.25
CA SER E 46 2.78 -15.95 9.16
C SER E 46 1.41 -15.50 9.67
N MET E 47 1.28 -15.35 10.98
CA MET E 47 0.01 -15.01 11.62
C MET E 47 0.13 -13.76 12.46
N LYS E 48 -0.75 -12.79 12.21
CA LYS E 48 -0.74 -11.52 12.93
C LYS E 48 -1.05 -11.70 14.41
N ASN E 49 -0.27 -11.00 15.25
CA ASN E 49 -0.46 -10.96 16.70
C ASN E 49 -0.20 -12.28 17.44
N SER E 50 0.42 -13.24 16.76
CA SER E 50 0.83 -14.49 17.39
C SER E 50 2.02 -14.24 18.34
N SER E 51 2.35 -15.26 19.14
CA SER E 51 3.37 -15.15 20.18
C SER E 51 4.69 -14.51 19.73
N VAL E 52 5.50 -15.28 19.00
CA VAL E 52 6.89 -14.90 18.75
C VAL E 52 7.13 -14.14 17.44
N TRP E 53 6.55 -14.61 16.34
CA TRP E 53 6.82 -14.05 15.01
C TRP E 53 5.69 -13.18 14.45
N GLY E 54 4.70 -12.87 15.27
CA GLY E 54 3.52 -12.12 14.85
C GLY E 54 3.78 -10.69 14.42
N ALA E 55 4.81 -10.09 15.03
CA ALA E 55 5.17 -8.69 14.78
C ALA E 55 5.56 -8.41 13.33
N SER E 56 6.06 -9.42 12.63
CA SER E 56 6.50 -9.24 11.24
C SER E 56 5.48 -9.66 10.19
N PHE E 57 4.22 -9.88 10.61
CA PHE E 57 3.16 -10.34 9.71
C PHE E 57 2.97 -9.49 8.45
N SER E 58 2.78 -8.19 8.62
CA SER E 58 2.47 -7.31 7.51
C SER E 58 3.66 -7.09 6.58
N THR E 59 4.85 -6.98 7.17
CA THR E 59 6.10 -6.86 6.41
C THR E 59 6.32 -8.10 5.55
N LEU E 60 6.14 -9.27 6.13
CA LEU E 60 6.30 -10.54 5.40
C LEU E 60 5.19 -10.76 4.38
N TYR E 61 3.97 -10.30 4.68
CA TYR E 61 2.87 -10.40 3.73
C TYR E 61 3.19 -9.63 2.47
N ASN E 62 3.60 -8.37 2.64
CA ASN E 62 3.98 -7.48 1.54
C ASN E 62 5.13 -8.06 0.71
N GLN E 63 6.15 -8.56 1.40
CA GLN E 63 7.36 -9.07 0.76
C GLN E 63 7.13 -10.40 0.04
N ALA E 64 6.36 -11.30 0.66
CA ALA E 64 6.05 -12.60 0.06
C ALA E 64 5.16 -12.46 -1.17
N LEU E 65 4.22 -11.52 -1.13
CA LEU E 65 3.37 -11.24 -2.28
C LEU E 65 4.17 -10.57 -3.39
N TYR E 66 5.11 -9.71 -3.00
CA TYR E 66 6.04 -9.11 -3.95
C TYR E 66 6.84 -10.20 -4.69
N PHE E 67 7.38 -11.15 -3.94
CA PHE E 67 8.22 -12.21 -4.48
C PHE E 67 7.44 -13.24 -5.30
N TYR E 68 6.19 -13.48 -4.91
CA TYR E 68 5.26 -14.30 -5.69
C TYR E 68 5.02 -13.68 -7.06
N THR E 69 4.91 -12.35 -7.08
CA THR E 69 4.64 -11.59 -8.30
C THR E 69 5.83 -11.60 -9.28
N THR E 70 7.05 -11.40 -8.77
CA THR E 70 8.25 -11.35 -9.61
C THR E 70 8.67 -12.74 -10.07
N GLY E 71 8.37 -13.74 -9.24
CA GLY E 71 8.73 -15.13 -9.54
C GLY E 71 10.19 -15.46 -9.33
N GLN E 72 10.93 -14.55 -8.69
CA GLN E 72 12.37 -14.70 -8.49
C GLN E 72 12.70 -15.76 -7.43
N PRO E 73 13.87 -16.41 -7.55
CA PRO E 73 14.29 -17.37 -6.53
C PRO E 73 14.69 -16.63 -5.25
N VAL E 74 14.11 -17.04 -4.13
CA VAL E 74 14.34 -16.40 -2.85
C VAL E 74 14.67 -17.41 -1.76
N ARG E 75 15.03 -16.90 -0.58
CA ARG E 75 15.27 -17.71 0.60
C ARG E 75 14.09 -17.58 1.57
N ILE E 76 13.56 -18.73 1.98
CA ILE E 76 12.51 -18.77 2.99
C ILE E 76 13.13 -19.17 4.33
N TYR E 77 13.07 -18.25 5.30
CA TYR E 77 13.45 -18.54 6.67
C TYR E 77 12.21 -19.01 7.42
N TYR E 78 12.31 -20.14 8.09
CA TYR E 78 11.17 -20.70 8.81
C TYR E 78 11.55 -21.22 10.19
N GLU E 79 10.56 -21.40 11.05
CA GLU E 79 10.74 -22.12 12.30
C GLU E 79 9.68 -23.22 12.42
N PRO E 80 10.12 -24.50 12.41
CA PRO E 80 9.19 -25.62 12.54
C PRO E 80 8.57 -25.71 13.93
N GLY E 81 7.37 -26.27 14.00
CA GLY E 81 6.70 -26.55 15.27
C GLY E 81 6.07 -25.38 15.99
N VAL E 82 5.87 -24.26 15.29
CA VAL E 82 5.26 -23.07 15.89
C VAL E 82 3.73 -23.20 15.99
N TRP E 83 3.10 -23.62 14.89
CA TRP E 83 1.65 -23.83 14.87
C TRP E 83 1.33 -25.23 15.35
N THR E 84 0.42 -25.33 16.32
CA THR E 84 0.14 -26.62 16.98
C THR E 84 -1.32 -27.11 16.85
N TYR E 85 -2.21 -26.25 16.35
CA TYR E 85 -3.60 -26.65 16.14
C TYR E 85 -3.66 -27.68 15.01
N PRO E 86 -3.99 -28.94 15.36
CA PRO E 86 -3.85 -30.08 14.44
C PRO E 86 -4.49 -29.97 13.04
N PRO E 87 -5.76 -29.54 12.92
CA PRO E 87 -6.29 -29.38 11.56
C PRO E 87 -5.54 -28.34 10.72
N PHE E 88 -5.01 -27.30 11.38
CA PHE E 88 -4.21 -26.28 10.72
C PHE E 88 -2.89 -26.85 10.22
N VAL E 89 -2.21 -27.62 11.08
CA VAL E 89 -0.93 -28.25 10.73
C VAL E 89 -1.13 -29.26 9.60
N LYS E 90 -2.22 -30.02 9.67
CA LYS E 90 -2.56 -31.04 8.67
C LYS E 90 -2.84 -30.43 7.31
N ALA E 91 -3.65 -29.37 7.28
CA ALA E 91 -4.01 -28.70 6.03
C ALA E 91 -2.87 -27.86 5.47
N LEU E 92 -2.09 -27.26 6.36
CA LEU E 92 -1.03 -26.33 5.94
C LEU E 92 0.36 -26.76 6.44
N THR E 93 0.75 -26.28 7.62
CA THR E 93 2.09 -26.53 8.17
C THR E 93 2.22 -26.03 9.60
N SER E 94 3.23 -26.54 10.30
CA SER E 94 3.60 -26.05 11.63
C SER E 94 4.64 -24.91 11.52
N ASN E 95 5.25 -24.79 10.34
CA ASN E 95 6.30 -23.82 10.11
C ASN E 95 5.80 -22.38 10.13
N ALA E 96 6.41 -21.57 11.00
CA ALA E 96 6.22 -20.11 10.95
C ALA E 96 7.20 -19.52 9.93
N LEU E 97 6.69 -18.61 9.10
CA LEU E 97 7.54 -17.83 8.21
C LEU E 97 8.24 -16.75 9.04
N VAL E 98 9.57 -16.72 8.93
CA VAL E 98 10.43 -16.00 9.87
C VAL E 98 11.28 -14.92 9.19
N GLY E 99 11.39 -15.01 7.86
CA GLY E 99 12.17 -14.04 7.09
C GLY E 99 12.20 -14.37 5.62
N LEU E 100 12.65 -13.41 4.82
CA LEU E 100 12.76 -13.55 3.38
C LEU E 100 14.00 -12.82 2.86
N SER E 101 14.63 -13.39 1.83
CA SER E 101 15.80 -12.78 1.21
C SER E 101 15.84 -12.99 -0.29
N THR E 102 16.33 -11.99 -1.01
CA THR E 102 16.71 -12.16 -2.41
C THR E 102 17.96 -13.04 -2.48
N CYS E 103 18.13 -13.74 -3.61
CA CYS E 103 19.27 -14.65 -3.77
C CYS E 103 20.10 -14.29 -5.00
N THR E 104 21.42 -14.37 -4.85
CA THR E 104 22.33 -14.18 -6.00
C THR E 104 22.52 -15.50 -6.75
N THR E 105 22.54 -16.61 -6.01
CA THR E 105 22.57 -17.95 -6.60
C THR E 105 21.54 -18.85 -5.90
N SER E 106 21.46 -20.12 -6.33
CA SER E 106 20.49 -21.07 -5.76
C SER E 106 20.69 -21.35 -4.27
N THR E 107 21.89 -21.10 -3.77
CA THR E 107 22.23 -21.38 -2.36
C THR E 107 22.73 -20.16 -1.61
N GLU E 108 23.17 -19.14 -2.36
CA GLU E 108 23.70 -17.92 -1.75
C GLU E 108 22.70 -16.79 -1.82
N CYS E 109 22.26 -16.35 -0.65
CA CYS E 109 21.22 -15.34 -0.54
C CYS E 109 21.60 -14.30 0.49
N PHE E 110 20.99 -13.12 0.38
CA PHE E 110 21.34 -11.97 1.20
C PHE E 110 20.90 -12.12 2.65
N GLY E 111 21.78 -11.78 3.58
CA GLY E 111 21.46 -11.82 5.00
C GLY E 111 22.04 -13.02 5.72
N PRO E 112 21.50 -13.32 6.92
CA PRO E 112 22.09 -14.33 7.80
C PRO E 112 21.74 -15.76 7.40
N ASP E 113 22.57 -16.71 7.83
CA ASP E 113 22.21 -18.11 7.79
C ASP E 113 21.28 -18.39 8.95
N ARG E 114 20.23 -19.16 8.71
CA ARG E 114 19.45 -19.74 9.79
C ARG E 114 19.74 -21.24 9.76
N LYS E 115 20.70 -21.66 10.57
CA LYS E 115 21.27 -22.99 10.48
C LYS E 115 21.52 -23.56 11.86
N LYS E 116 21.05 -24.78 12.09
CA LYS E 116 21.22 -25.46 13.37
C LYS E 116 22.55 -26.22 13.42
#